data_8GBZ
#
_entry.id   8GBZ
#
_cell.length_a   39.366
_cell.length_b   171.380
_cell.length_c   68.415
_cell.angle_alpha   90.000
_cell.angle_beta   90.000
_cell.angle_gamma   90.000
#
_symmetry.space_group_name_H-M   'P 21 21 21'
#
loop_
_entity.id
_entity.type
_entity.pdbx_description
1 polymer 'PC39-55C Fab heavy chain'
2 polymer 'PC39-55C Fab light chain'
3 non-polymer DI(HYDROXYETHYL)ETHER
4 water water
#
loop_
_entity_poly.entity_id
_entity_poly.type
_entity_poly.pdbx_seq_one_letter_code
_entity_poly.pdbx_strand_id
1 'polypeptide(L)'
;QVQLKQWGAGLLKPSETLSLTCAIYGESFTGSWNDQLWNWIRQPPGKGLEWIGEINHNGDINYASSLKSRATVSADRSKN
QFSLRLRSVSDADTATYYCARGRRAIQWWAVEPPANYGFDVWSQGTPVIVSSASTKGPSVFPLAPSSKSTSGGTAALGCL
VKDYFPEPVTVSWNSGALTSGVHTFPAVLQSSGLYSLSSVVTVPSSSLGTQTYICNVNHKPSNTKVDKRVEPKSCD
;
H
2 'polypeptide(L)'
;EIVLTQSPGTLSLSPGEKATLSCRASQTIASTYLAWYQQKPGQPPRLLLHKGYNRATGIPDRFSGSGSGTVYTLTISGLE
PDDFAFYYCQHLGTSPPYTFGQGTKVEIKRTVAAPSVFIFPPSDEQLKSGTASVVCLLNNFYPREAKVQWKVDNALQSGN
SQESVTEQDSKDSTYSLSSTLTLSKADYEKHKVYACEVTHQGLSSPVTKSFNRGEC
;
L
#
loop_
_chem_comp.id
_chem_comp.type
_chem_comp.name
_chem_comp.formula
PEG non-polymer DI(HYDROXYETHYL)ETHER 'C4 H10 O3'
#
# COMPACT_ATOMS: atom_id res chain seq x y z
N GLN A 1 16.33 -18.39 18.93
CA GLN A 1 16.08 -17.47 17.81
C GLN A 1 14.99 -17.97 16.87
N VAL A 2 13.74 -17.65 17.21
CA VAL A 2 12.58 -18.24 16.53
C VAL A 2 12.35 -17.56 15.19
N GLN A 3 12.00 -18.34 14.18
CA GLN A 3 11.79 -17.82 12.84
C GLN A 3 10.66 -18.59 12.17
N LEU A 4 9.92 -17.90 11.30
CA LEU A 4 8.84 -18.48 10.53
C LEU A 4 9.15 -18.35 9.04
N LYS A 5 9.10 -19.47 8.32
CA LYS A 5 9.31 -19.50 6.88
C LYS A 5 8.01 -19.87 6.19
N GLN A 6 7.60 -19.05 5.22
CA GLN A 6 6.33 -19.21 4.54
C GLN A 6 6.55 -19.52 3.07
N TRP A 7 5.73 -20.43 2.52
CA TRP A 7 5.71 -20.66 1.08
C TRP A 7 4.29 -20.98 0.64
N GLY A 8 4.08 -20.86 -0.66
CA GLY A 8 2.79 -21.06 -1.29
C GLY A 8 2.65 -20.14 -2.49
N ALA A 9 1.89 -20.59 -3.49
CA ALA A 9 1.67 -19.78 -4.69
C ALA A 9 0.97 -18.47 -4.35
N GLY A 10 1.48 -17.36 -4.91
CA GLY A 10 0.95 -16.05 -4.60
C GLY A 10 0.18 -15.44 -5.76
N LEU A 11 0.42 -15.93 -6.96
CA LEU A 11 -0.32 -15.49 -8.14
C LEU A 11 -1.44 -16.48 -8.39
N LEU A 12 -2.67 -16.06 -8.12
CA LEU A 12 -3.83 -16.94 -8.16
C LEU A 12 -4.81 -16.51 -9.22
N LYS A 13 -5.37 -17.47 -9.91
CA LYS A 13 -6.51 -17.20 -10.77
C LYS A 13 -7.76 -17.11 -9.90
N PRO A 14 -8.76 -16.33 -10.32
CA PRO A 14 -9.97 -16.19 -9.50
C PRO A 14 -10.71 -17.51 -9.39
N SER A 15 -11.30 -17.72 -8.21
CA SER A 15 -12.05 -18.90 -7.76
C SER A 15 -11.14 -20.05 -7.34
N GLU A 16 -9.81 -19.91 -7.47
CA GLU A 16 -8.91 -20.96 -7.00
C GLU A 16 -8.84 -20.94 -5.47
N THR A 17 -8.14 -21.94 -4.94
CA THR A 17 -7.97 -22.08 -3.49
C THR A 17 -6.57 -21.62 -3.12
N LEU A 18 -6.48 -20.57 -2.30
CA LEU A 18 -5.19 -20.12 -1.78
C LEU A 18 -4.67 -21.14 -0.78
N SER A 19 -3.40 -21.49 -0.89
CA SER A 19 -2.80 -22.51 -0.03
C SER A 19 -1.43 -22.02 0.43
N LEU A 20 -1.27 -21.84 1.73
CA LEU A 20 -0.04 -21.36 2.32
C LEU A 20 0.37 -22.25 3.48
N THR A 21 1.67 -22.37 3.68
CA THR A 21 2.20 -23.11 4.82
C THR A 21 3.35 -22.32 5.45
N CYS A 22 3.45 -22.38 6.76
N CYS A 22 3.48 -22.45 6.76
CA CYS A 22 4.57 -21.80 7.47
CA CYS A 22 4.50 -21.78 7.56
C CYS A 22 5.32 -22.91 8.19
C CYS A 22 5.30 -22.84 8.29
N ALA A 23 6.63 -22.76 8.22
CA ALA A 23 7.51 -23.69 8.93
C ALA A 23 8.09 -22.99 10.14
N ILE A 24 8.04 -23.64 11.29
CA ILE A 24 8.52 -23.08 12.54
C ILE A 24 9.95 -23.54 12.77
N TYR A 25 10.85 -22.61 13.08
CA TYR A 25 12.22 -22.95 13.47
C TYR A 25 12.54 -22.27 14.80
N GLY A 26 13.12 -23.04 15.72
CA GLY A 26 13.52 -22.53 17.01
C GLY A 26 12.53 -22.73 18.13
N GLU A 27 11.31 -23.17 17.83
CA GLU A 27 10.29 -23.38 18.85
C GLU A 27 9.57 -24.67 18.55
N SER A 28 9.01 -25.29 19.59
CA SER A 28 8.14 -26.44 19.38
C SER A 28 6.72 -25.96 19.11
N PHE A 29 5.87 -26.88 18.65
CA PHE A 29 4.51 -26.51 18.29
C PHE A 29 3.70 -26.09 19.52
N THR A 30 3.80 -26.87 20.60
CA THR A 30 3.05 -26.52 21.81
C THR A 30 3.79 -25.50 22.67
N GLY A 31 5.10 -25.68 22.82
CA GLY A 31 5.90 -24.83 23.68
C GLY A 31 6.19 -25.49 25.02
N SER A 32 7.20 -24.96 25.71
CA SER A 32 7.55 -25.51 27.02
C SER A 32 6.39 -25.39 28.00
N TRP A 33 5.67 -24.27 27.95
CA TRP A 33 4.55 -24.02 28.85
C TRP A 33 3.21 -24.07 28.13
N ASN A 34 3.12 -24.78 27.02
CA ASN A 34 1.88 -24.99 26.28
C ASN A 34 1.11 -23.68 26.11
N ASP A 35 1.75 -22.74 25.41
CA ASP A 35 1.21 -21.40 25.27
C ASP A 35 1.31 -20.83 23.87
N GLN A 36 1.85 -21.59 22.91
CA GLN A 36 2.06 -21.05 21.57
C GLN A 36 0.74 -20.85 20.84
N LEU A 37 0.67 -19.78 20.05
CA LEU A 37 -0.49 -19.45 19.23
C LEU A 37 -0.01 -19.18 17.81
N TRP A 38 -0.41 -20.01 16.87
CA TRP A 38 0.01 -19.89 15.48
C TRP A 38 -1.12 -19.26 14.69
N ASN A 39 -0.87 -18.07 14.14
CA ASN A 39 -1.90 -17.22 13.60
C ASN A 39 -1.62 -16.83 12.16
N TRP A 40 -2.70 -16.51 11.44
CA TRP A 40 -2.64 -16.00 10.09
C TRP A 40 -3.27 -14.61 10.04
N ILE A 41 -2.60 -13.69 9.34
CA ILE A 41 -3.02 -12.29 9.23
C ILE A 41 -2.82 -11.83 7.79
N ARG A 42 -3.73 -11.02 7.27
CA ARG A 42 -3.55 -10.46 5.95
C ARG A 42 -3.68 -8.94 5.97
N GLN A 43 -3.08 -8.32 4.96
CA GLN A 43 -3.09 -6.87 4.80
C GLN A 43 -3.49 -6.53 3.37
N PRO A 44 -4.74 -6.15 3.13
CA PRO A 44 -5.16 -5.76 1.77
C PRO A 44 -4.43 -4.51 1.33
N PRO A 45 -4.34 -4.26 0.01
CA PRO A 45 -3.67 -3.06 -0.48
C PRO A 45 -4.16 -1.77 0.15
N GLY A 46 -3.25 -1.05 0.80
CA GLY A 46 -3.60 0.23 1.38
C GLY A 46 -4.49 0.16 2.61
N LYS A 47 -4.73 -1.02 3.16
CA LYS A 47 -5.53 -1.16 4.37
C LYS A 47 -4.68 -1.77 5.48
N GLY A 48 -5.21 -1.74 6.70
CA GLY A 48 -4.48 -2.20 7.86
C GLY A 48 -4.45 -3.72 7.99
N LEU A 49 -4.13 -4.16 9.19
CA LEU A 49 -4.01 -5.58 9.46
C LEU A 49 -5.37 -6.20 9.79
N GLU A 50 -5.64 -7.38 9.21
CA GLU A 50 -6.88 -8.11 9.50
C GLU A 50 -6.54 -9.52 9.94
N TRP A 51 -7.01 -9.91 11.12
CA TRP A 51 -6.76 -11.26 11.62
C TRP A 51 -7.63 -12.28 10.88
N ILE A 52 -7.02 -13.39 10.49
CA ILE A 52 -7.68 -14.41 9.68
C ILE A 52 -8.10 -15.62 10.52
N GLY A 53 -7.16 -16.20 11.25
CA GLY A 53 -7.45 -17.45 11.94
C GLY A 53 -6.26 -17.88 12.78
N GLU A 54 -6.48 -18.92 13.58
CA GLU A 54 -5.46 -19.40 14.50
C GLU A 54 -5.67 -20.89 14.79
N ILE A 55 -4.56 -21.61 14.95
CA ILE A 55 -4.56 -22.91 15.61
C ILE A 55 -3.57 -22.81 16.76
N ASN A 56 -4.01 -23.19 17.97
CA ASN A 56 -3.16 -23.02 19.14
C ASN A 56 -2.53 -24.35 19.54
N HIS A 57 -1.86 -24.36 20.70
CA HIS A 57 -1.13 -25.54 21.17
C HIS A 57 -2.06 -26.73 21.36
N ASN A 58 -3.25 -26.51 21.90
CA ASN A 58 -4.19 -27.59 22.16
C ASN A 58 -4.96 -28.04 20.92
N GLY A 59 -4.62 -27.54 19.73
CA GLY A 59 -5.31 -27.90 18.52
C GLY A 59 -6.58 -27.13 18.24
N ASP A 60 -6.97 -26.21 19.12
CA ASP A 60 -8.16 -25.40 18.90
C ASP A 60 -7.98 -24.52 17.67
N ILE A 61 -9.02 -24.44 16.85
CA ILE A 61 -8.99 -23.67 15.61
C ILE A 61 -10.13 -22.66 15.65
N ASN A 62 -9.83 -21.43 15.25
CA ASN A 62 -10.84 -20.39 15.22
C ASN A 62 -10.58 -19.46 14.05
N TYR A 63 -11.66 -18.93 13.47
CA TYR A 63 -11.58 -18.11 12.28
C TYR A 63 -12.30 -16.80 12.52
N ALA A 64 -11.92 -15.77 11.76
CA ALA A 64 -12.71 -14.55 11.74
C ALA A 64 -14.06 -14.85 11.11
N SER A 65 -15.08 -14.11 11.55
CA SER A 65 -16.45 -14.44 11.17
C SER A 65 -16.67 -14.30 9.67
N SER A 66 -16.02 -13.33 9.04
CA SER A 66 -16.27 -13.09 7.62
C SER A 66 -15.56 -14.09 6.72
N LEU A 67 -14.72 -14.96 7.28
CA LEU A 67 -13.96 -15.93 6.50
C LEU A 67 -14.20 -17.36 6.94
N LYS A 68 -15.00 -17.59 7.99
CA LYS A 68 -15.07 -18.91 8.61
C LYS A 68 -15.53 -19.97 7.62
N SER A 69 -16.44 -19.62 6.72
CA SER A 69 -16.90 -20.59 5.73
C SER A 69 -15.78 -20.97 4.77
N ARG A 70 -15.08 -19.98 4.21
CA ARG A 70 -14.16 -20.22 3.12
C ARG A 70 -12.77 -20.67 3.55
N ALA A 71 -12.42 -20.55 4.82
CA ALA A 71 -11.06 -20.78 5.27
C ALA A 71 -10.94 -22.10 6.02
N THR A 72 -9.74 -22.68 5.95
CA THR A 72 -9.38 -23.86 6.72
C THR A 72 -7.97 -23.64 7.26
N VAL A 73 -7.77 -23.93 8.53
CA VAL A 73 -6.46 -23.83 9.17
C VAL A 73 -6.12 -25.20 9.73
N SER A 74 -4.85 -25.59 9.58
CA SER A 74 -4.44 -26.92 10.00
C SER A 74 -2.96 -26.87 10.37
N ALA A 75 -2.50 -27.94 11.02
CA ALA A 75 -1.09 -28.07 11.35
C ALA A 75 -0.64 -29.50 11.11
N ASP A 76 0.62 -29.65 10.70
CA ASP A 76 1.32 -30.93 10.66
C ASP A 76 2.34 -30.89 11.79
N ARG A 77 2.01 -31.55 12.91
CA ARG A 77 2.88 -31.45 14.07
C ARG A 77 4.18 -32.22 13.85
N SER A 78 4.15 -33.25 13.01
CA SER A 78 5.33 -34.05 12.74
C SER A 78 6.44 -33.22 12.10
N LYS A 79 6.09 -32.17 11.36
CA LYS A 79 7.06 -31.33 10.67
C LYS A 79 7.11 -29.91 11.20
N ASN A 80 6.42 -29.62 12.31
CA ASN A 80 6.42 -28.28 12.92
C ASN A 80 5.97 -27.22 11.91
N GLN A 81 4.85 -27.49 11.25
CA GLN A 81 4.32 -26.61 10.21
C GLN A 81 2.83 -26.41 10.43
N PHE A 82 2.31 -25.28 9.97
CA PHE A 82 0.87 -25.05 9.98
C PHE A 82 0.49 -24.30 8.72
N SER A 83 -0.78 -24.39 8.35
CA SER A 83 -1.22 -24.00 7.01
C SER A 83 -2.54 -23.26 7.04
N LEU A 84 -2.78 -22.50 5.97
CA LEU A 84 -4.03 -21.81 5.71
C LEU A 84 -4.50 -22.10 4.30
N ARG A 85 -5.76 -22.51 4.15
CA ARG A 85 -6.41 -22.58 2.86
C ARG A 85 -7.59 -21.62 2.84
N LEU A 86 -7.82 -20.97 1.70
CA LEU A 86 -8.91 -20.03 1.54
C LEU A 86 -9.50 -20.21 0.15
N ARG A 87 -10.77 -20.62 0.07
CA ARG A 87 -11.39 -21.07 -1.16
C ARG A 87 -12.07 -19.93 -1.91
N SER A 88 -12.23 -20.13 -3.22
CA SER A 88 -13.00 -19.23 -4.10
C SER A 88 -12.51 -17.78 -3.99
N VAL A 89 -11.20 -17.59 -4.19
CA VAL A 89 -10.60 -16.27 -4.00
C VAL A 89 -11.09 -15.30 -5.07
N SER A 90 -11.17 -14.02 -4.69
CA SER A 90 -11.59 -12.96 -5.58
C SER A 90 -10.64 -11.77 -5.42
N ASP A 91 -10.98 -10.64 -6.07
CA ASP A 91 -10.21 -9.41 -5.87
C ASP A 91 -10.21 -8.99 -4.41
N ALA A 92 -11.27 -9.33 -3.67
CA ALA A 92 -11.35 -8.99 -2.26
C ALA A 92 -10.26 -9.67 -1.44
N ASP A 93 -9.73 -10.80 -1.90
CA ASP A 93 -8.74 -11.56 -1.13
C ASP A 93 -7.30 -11.21 -1.50
N THR A 94 -7.09 -10.34 -2.49
CA THR A 94 -5.75 -9.85 -2.76
C THR A 94 -5.20 -9.10 -1.55
N ALA A 95 -4.03 -9.54 -1.06
CA ALA A 95 -3.48 -9.03 0.19
C ALA A 95 -2.07 -9.61 0.37
N THR A 96 -1.33 -9.06 1.31
CA THR A 96 -0.12 -9.71 1.81
C THR A 96 -0.51 -10.56 3.00
N TYR A 97 -0.22 -11.85 2.94
CA TYR A 97 -0.57 -12.78 4.00
C TYR A 97 0.65 -13.10 4.85
N TYR A 98 0.49 -12.99 6.17
CA TYR A 98 1.54 -13.33 7.14
C TYR A 98 1.07 -14.45 8.04
N CYS A 99 2.01 -15.29 8.49
CA CYS A 99 1.84 -16.10 9.69
C CYS A 99 2.60 -15.44 10.82
N ALA A 100 2.17 -15.70 12.05
CA ALA A 100 2.82 -15.08 13.19
C ALA A 100 2.70 -15.99 14.41
N ARG A 101 3.66 -15.88 15.32
CA ARG A 101 3.64 -16.59 16.59
C ARG A 101 3.18 -15.64 17.69
N GLY A 102 2.10 -16.02 18.38
CA GLY A 102 1.69 -15.37 19.60
C GLY A 102 1.77 -16.32 20.78
N ARG A 103 1.50 -15.78 21.97
CA ARG A 103 1.45 -16.65 23.12
C ARG A 103 0.50 -16.09 24.16
N ARG A 104 -0.12 -17.01 24.91
CA ARG A 104 -0.94 -16.71 26.08
C ARG A 104 -0.47 -17.67 27.18
N ALA A 105 0.60 -17.27 27.87
CA ALA A 105 1.14 -18.10 28.93
C ALA A 105 0.38 -17.85 30.23
N ILE A 106 -0.05 -18.92 30.87
CA ILE A 106 -0.72 -18.83 32.17
C ILE A 106 -0.19 -19.90 33.11
N VAL A 111 9.84 -16.75 36.11
CA VAL A 111 10.11 -15.75 35.07
C VAL A 111 9.12 -15.88 33.92
N GLU A 112 8.30 -14.85 33.75
CA GLU A 112 7.29 -14.85 32.71
C GLU A 112 7.96 -14.86 31.33
N PRO A 113 7.43 -15.63 30.37
CA PRO A 113 8.05 -15.68 29.05
C PRO A 113 7.90 -14.35 28.32
N PRO A 114 8.84 -14.02 27.44
CA PRO A 114 8.79 -12.73 26.75
C PRO A 114 7.63 -12.65 25.77
N ALA A 115 7.16 -11.42 25.55
CA ALA A 115 6.15 -11.12 24.54
C ALA A 115 4.83 -11.84 24.83
N ASN A 116 4.48 -11.96 26.11
CA ASN A 116 3.23 -12.60 26.47
C ASN A 116 2.05 -11.75 26.00
N TYR A 117 1.08 -12.39 25.35
CA TYR A 117 -0.08 -11.71 24.74
C TYR A 117 0.36 -10.75 23.64
N GLY A 118 1.31 -11.17 22.83
CA GLY A 118 1.71 -10.40 21.66
C GLY A 118 2.20 -11.31 20.57
N PHE A 119 2.14 -10.81 19.34
CA PHE A 119 2.69 -11.50 18.16
C PHE A 119 4.11 -11.00 17.96
N ASP A 120 5.09 -11.72 18.49
CA ASP A 120 6.47 -11.23 18.42
C ASP A 120 7.24 -11.69 17.19
N VAL A 121 6.87 -12.80 16.56
CA VAL A 121 7.58 -13.33 15.41
C VAL A 121 6.64 -13.39 14.23
N TRP A 122 7.06 -12.82 13.10
CA TRP A 122 6.29 -12.78 11.87
C TRP A 122 7.13 -13.34 10.73
N SER A 123 6.45 -13.98 9.78
CA SER A 123 7.12 -14.39 8.55
C SER A 123 7.33 -13.16 7.66
N GLN A 124 8.02 -13.38 6.54
CA GLN A 124 8.17 -12.30 5.57
C GLN A 124 6.91 -12.03 4.77
N GLY A 125 5.92 -12.91 4.86
CA GLY A 125 4.67 -12.71 4.15
C GLY A 125 4.74 -13.15 2.70
N THR A 126 3.56 -13.40 2.13
CA THR A 126 3.41 -13.68 0.70
C THR A 126 2.47 -12.66 0.09
N PRO A 127 2.87 -11.92 -0.94
CA PRO A 127 1.89 -11.09 -1.66
C PRO A 127 0.99 -11.97 -2.51
N VAL A 128 -0.31 -11.93 -2.23
CA VAL A 128 -1.27 -12.75 -2.97
C VAL A 128 -2.07 -11.81 -3.86
N ILE A 129 -2.03 -12.07 -5.16
CA ILE A 129 -2.68 -11.22 -6.16
C ILE A 129 -3.58 -12.11 -7.00
N VAL A 130 -4.85 -11.71 -7.11
CA VAL A 130 -5.86 -12.51 -7.79
C VAL A 130 -6.10 -11.89 -9.15
N SER A 131 -5.83 -12.66 -10.20
CA SER A 131 -5.96 -12.18 -11.57
C SER A 131 -6.07 -13.37 -12.48
N SER A 132 -6.95 -13.27 -13.48
N SER A 132 -6.95 -13.26 -13.48
CA SER A 132 -7.01 -14.32 -14.48
CA SER A 132 -7.05 -14.27 -14.52
C SER A 132 -6.00 -14.09 -15.61
C SER A 132 -5.96 -14.13 -15.56
N ALA A 133 -5.19 -13.04 -15.52
CA ALA A 133 -4.22 -12.74 -16.55
C ALA A 133 -3.06 -13.73 -16.52
N SER A 134 -2.46 -13.93 -17.70
CA SER A 134 -1.16 -14.56 -17.83
C SER A 134 -0.08 -13.49 -17.88
N THR A 135 1.17 -13.94 -17.87
CA THR A 135 2.29 -13.00 -18.02
C THR A 135 2.11 -12.18 -19.29
N LYS A 136 2.27 -10.88 -19.16
CA LYS A 136 2.09 -9.98 -20.29
C LYS A 136 2.97 -8.75 -20.11
N GLY A 137 3.72 -8.40 -21.15
CA GLY A 137 4.49 -7.18 -21.17
C GLY A 137 3.62 -5.96 -21.32
N PRO A 138 4.08 -4.83 -20.79
CA PRO A 138 3.29 -3.60 -20.86
C PRO A 138 3.39 -2.92 -22.22
N SER A 139 2.36 -2.15 -22.54
CA SER A 139 2.48 -1.14 -23.57
C SER A 139 3.00 0.13 -22.92
N VAL A 140 3.86 0.85 -23.62
CA VAL A 140 4.44 2.08 -23.09
C VAL A 140 4.06 3.24 -24.02
N PHE A 141 3.32 4.21 -23.48
CA PHE A 141 2.86 5.37 -24.24
C PHE A 141 3.42 6.65 -23.64
N PRO A 142 3.80 7.62 -24.47
CA PRO A 142 4.32 8.88 -23.93
C PRO A 142 3.22 9.75 -23.34
N LEU A 143 3.58 10.48 -22.29
CA LEU A 143 2.75 11.55 -21.73
C LEU A 143 3.48 12.84 -22.08
N ALA A 144 3.02 13.51 -23.11
CA ALA A 144 3.87 14.52 -23.72
C ALA A 144 3.70 15.89 -23.05
N PRO A 145 4.79 16.66 -22.92
CA PRO A 145 4.75 18.00 -22.31
C PRO A 145 4.08 19.02 -23.21
N GLY A 153 7.68 27.78 -16.91
CA GLY A 153 8.96 27.60 -16.25
C GLY A 153 9.27 26.14 -16.04
N THR A 154 8.27 25.41 -15.53
CA THR A 154 8.38 23.98 -15.29
C THR A 154 7.46 23.23 -16.24
N ALA A 155 7.98 22.15 -16.82
CA ALA A 155 7.22 21.29 -17.73
C ALA A 155 7.20 19.88 -17.16
N ALA A 156 6.06 19.20 -17.32
CA ALA A 156 5.93 17.83 -16.89
C ALA A 156 5.79 16.91 -18.11
N LEU A 157 6.45 15.77 -18.04
CA LEU A 157 6.32 14.74 -19.05
C LEU A 157 6.41 13.39 -18.36
N GLY A 158 6.06 12.34 -19.09
CA GLY A 158 6.11 11.05 -18.46
C GLY A 158 5.81 9.95 -19.45
N CYS A 159 5.63 8.75 -18.92
N CYS A 159 5.62 8.74 -18.94
CA CYS A 159 5.28 7.55 -19.67
CA CYS A 159 5.26 7.59 -19.76
C CYS A 159 4.16 6.84 -18.95
C CYS A 159 4.27 6.72 -19.01
N LEU A 160 3.23 6.31 -19.72
CA LEU A 160 2.16 5.47 -19.19
C LEU A 160 2.50 4.02 -19.51
N VAL A 161 2.68 3.23 -18.46
CA VAL A 161 3.14 1.84 -18.57
C VAL A 161 1.95 0.96 -18.26
N LYS A 162 1.27 0.48 -19.30
CA LYS A 162 -0.09 0.00 -19.17
C LYS A 162 -0.23 -1.46 -19.57
N ASP A 163 -1.09 -2.17 -18.83
CA ASP A 163 -1.57 -3.51 -19.18
C ASP A 163 -0.46 -4.56 -19.14
N TYR A 164 0.20 -4.71 -17.99
CA TYR A 164 1.20 -5.74 -17.80
C TYR A 164 0.83 -6.62 -16.60
N PHE A 165 1.48 -7.78 -16.53
CA PHE A 165 1.28 -8.73 -15.46
C PHE A 165 2.44 -9.72 -15.44
N PRO A 166 2.99 -10.06 -14.27
CA PRO A 166 2.65 -9.47 -12.96
C PRO A 166 3.63 -8.37 -12.59
N GLU A 167 3.68 -7.98 -11.30
CA GLU A 167 4.69 -7.04 -10.84
C GLU A 167 6.04 -7.74 -10.70
N PRO A 168 7.14 -6.97 -10.67
CA PRO A 168 7.15 -5.52 -10.86
C PRO A 168 7.59 -5.08 -12.24
N VAL A 169 7.39 -3.79 -12.47
CA VAL A 169 8.03 -3.06 -13.56
C VAL A 169 9.06 -2.16 -12.92
N THR A 170 10.20 -2.00 -13.59
CA THR A 170 11.13 -0.94 -13.24
C THR A 170 11.05 0.12 -14.33
N VAL A 171 11.02 1.37 -13.93
CA VAL A 171 11.04 2.49 -14.85
C VAL A 171 12.23 3.36 -14.49
N SER A 172 13.02 3.72 -15.48
CA SER A 172 14.07 4.70 -15.27
C SER A 172 13.96 5.74 -16.36
N TRP A 173 14.71 6.82 -16.19
CA TRP A 173 14.75 7.91 -17.13
C TRP A 173 16.20 8.14 -17.50
N ASN A 174 16.47 8.19 -18.79
CA ASN A 174 17.85 8.26 -19.30
C ASN A 174 18.73 7.21 -18.63
N SER A 175 18.24 5.97 -18.64
CA SER A 175 18.96 4.77 -18.17
C SER A 175 19.18 4.76 -16.67
N GLY A 176 18.45 5.61 -15.93
CA GLY A 176 18.58 5.70 -14.50
C GLY A 176 19.36 6.89 -14.00
N ALA A 177 19.98 7.66 -14.90
CA ALA A 177 20.70 8.85 -14.49
C ALA A 177 19.78 9.84 -13.79
N LEU A 178 18.59 10.03 -14.34
CA LEU A 178 17.67 11.07 -13.88
C LEU A 178 16.76 10.49 -12.80
N THR A 179 16.90 10.98 -11.57
CA THR A 179 15.95 10.69 -10.51
C THR A 179 15.35 11.92 -9.85
N SER A 180 15.97 13.09 -10.00
CA SER A 180 15.48 14.31 -9.35
C SER A 180 14.18 14.77 -10.01
N GLY A 181 13.14 14.91 -9.21
CA GLY A 181 11.85 15.27 -9.76
C GLY A 181 11.11 14.14 -10.44
N VAL A 182 11.69 12.95 -10.49
CA VAL A 182 11.00 11.79 -11.05
C VAL A 182 10.04 11.25 -10.00
N HIS A 183 8.84 10.91 -10.44
CA HIS A 183 7.85 10.22 -9.62
C HIS A 183 7.35 9.01 -10.40
N THR A 184 7.67 7.81 -9.93
CA THR A 184 7.13 6.58 -10.52
C THR A 184 6.07 6.05 -9.59
N PHE A 185 4.84 6.12 -10.01
CA PHE A 185 3.72 5.91 -9.12
C PHE A 185 3.52 4.42 -8.84
N PRO A 186 3.15 4.07 -7.61
CA PRO A 186 2.74 2.69 -7.33
C PRO A 186 1.74 2.21 -8.37
N ALA A 187 1.96 1.00 -8.86
CA ALA A 187 1.08 0.46 -9.86
C ALA A 187 -0.31 0.25 -9.29
N VAL A 188 -1.30 0.29 -10.17
N VAL A 188 -1.29 0.26 -10.17
CA VAL A 188 -2.68 -0.01 -9.82
CA VAL A 188 -2.68 0.00 -9.83
C VAL A 188 -3.10 -1.26 -10.59
C VAL A 188 -3.17 -1.21 -10.62
N LEU A 189 -3.88 -2.11 -9.94
CA LEU A 189 -4.51 -3.23 -10.61
C LEU A 189 -5.81 -2.73 -11.23
N GLN A 190 -5.89 -2.75 -12.56
CA GLN A 190 -7.11 -2.37 -13.25
C GLN A 190 -8.13 -3.50 -13.16
N SER A 191 -9.36 -3.19 -13.58
CA SER A 191 -10.41 -4.21 -13.55
C SER A 191 -10.11 -5.38 -14.47
N SER A 192 -9.25 -5.21 -15.45
CA SER A 192 -8.92 -6.27 -16.41
C SER A 192 -8.01 -7.33 -15.82
N GLY A 193 -7.57 -7.18 -14.58
CA GLY A 193 -6.54 -8.04 -14.04
C GLY A 193 -5.14 -7.64 -14.43
N LEU A 194 -4.97 -6.55 -15.16
CA LEU A 194 -3.66 -6.10 -15.62
C LEU A 194 -3.23 -4.88 -14.83
N TYR A 195 -1.94 -4.78 -14.55
CA TYR A 195 -1.44 -3.60 -13.87
C TYR A 195 -1.31 -2.43 -14.83
N SER A 196 -1.19 -1.25 -14.26
CA SER A 196 -0.87 -0.05 -15.01
C SER A 196 -0.29 0.97 -14.05
N LEU A 197 0.70 1.72 -14.53
CA LEU A 197 1.25 2.80 -13.75
C LEU A 197 1.76 3.87 -14.70
N SER A 198 2.03 5.05 -14.16
N SER A 198 2.03 5.05 -14.14
CA SER A 198 2.69 6.09 -14.89
CA SER A 198 2.67 6.14 -14.87
C SER A 198 3.94 6.51 -14.15
C SER A 198 3.93 6.56 -14.14
N SER A 199 4.91 7.04 -14.90
CA SER A 199 6.13 7.59 -14.33
C SER A 199 6.29 8.97 -14.95
N VAL A 200 6.46 9.99 -14.11
CA VAL A 200 6.52 11.37 -14.56
C VAL A 200 7.80 12.00 -14.05
N VAL A 201 8.20 13.08 -14.72
CA VAL A 201 9.28 13.91 -14.19
C VAL A 201 8.98 15.36 -14.55
N THR A 202 9.25 16.25 -13.60
CA THR A 202 9.17 17.69 -13.85
C THR A 202 10.56 18.20 -14.15
N VAL A 203 10.68 18.91 -15.28
CA VAL A 203 11.96 19.38 -15.79
C VAL A 203 11.80 20.84 -16.19
N PRO A 204 12.89 21.58 -16.33
CA PRO A 204 12.78 22.96 -16.82
C PRO A 204 12.29 22.99 -18.26
N SER A 205 11.42 23.95 -18.56
CA SER A 205 10.92 24.10 -19.92
C SER A 205 12.07 24.34 -20.90
N SER A 206 13.08 25.11 -20.48
CA SER A 206 14.19 25.47 -21.33
C SER A 206 15.10 24.29 -21.67
N SER A 207 14.87 23.11 -21.11
CA SER A 207 15.69 21.94 -21.44
C SER A 207 15.04 21.04 -22.47
N LEU A 208 13.80 21.32 -22.88
CA LEU A 208 13.07 20.47 -23.81
C LEU A 208 13.71 20.42 -25.20
N GLY A 209 14.62 21.33 -25.50
CA GLY A 209 15.24 21.36 -26.82
C GLY A 209 16.69 20.92 -26.84
N THR A 210 17.30 20.78 -25.66
CA THR A 210 18.69 20.37 -25.54
C THR A 210 18.89 19.01 -24.92
N GLN A 211 18.00 18.58 -24.04
CA GLN A 211 18.13 17.32 -23.34
C GLN A 211 17.06 16.35 -23.83
N THR A 212 17.50 15.14 -24.18
N THR A 212 17.50 15.15 -24.18
CA THR A 212 16.58 14.08 -24.56
CA THR A 212 16.57 14.08 -24.56
C THR A 212 16.06 13.38 -23.32
C THR A 212 16.06 13.36 -23.33
N TYR A 213 14.75 13.12 -23.29
CA TYR A 213 14.12 12.40 -22.20
C TYR A 213 13.57 11.08 -22.73
N ILE A 214 14.07 9.98 -22.18
CA ILE A 214 13.69 8.64 -22.57
C ILE A 214 13.32 7.88 -21.32
N CYS A 215 12.17 7.22 -21.33
N CYS A 215 12.22 7.14 -21.37
CA CYS A 215 11.77 6.35 -20.24
CA CYS A 215 11.72 6.35 -20.23
C CYS A 215 12.13 4.92 -20.61
C CYS A 215 11.99 4.88 -20.51
N ASN A 216 12.91 4.28 -19.74
CA ASN A 216 13.34 2.90 -19.95
C ASN A 216 12.51 2.00 -19.07
N VAL A 217 11.73 1.11 -19.69
CA VAL A 217 10.80 0.26 -18.97
C VAL A 217 11.28 -1.17 -19.07
N ASN A 218 11.45 -1.83 -17.93
CA ASN A 218 11.84 -3.23 -17.89
C ASN A 218 10.79 -4.00 -17.14
N HIS A 219 10.33 -5.10 -17.75
CA HIS A 219 9.38 -6.01 -17.13
C HIS A 219 10.00 -7.39 -17.26
N LYS A 220 10.65 -7.84 -16.19
CA LYS A 220 11.38 -9.11 -16.25
C LYS A 220 10.49 -10.31 -16.53
N PRO A 221 9.28 -10.44 -15.96
CA PRO A 221 8.51 -11.67 -16.21
C PRO A 221 8.20 -11.94 -17.69
N SER A 222 8.06 -10.91 -18.51
CA SER A 222 7.84 -11.07 -19.94
C SER A 222 9.07 -10.76 -20.76
N ASN A 223 10.20 -10.47 -20.11
CA ASN A 223 11.43 -10.07 -20.78
C ASN A 223 11.23 -8.83 -21.67
N THR A 224 10.23 -8.01 -21.32
CA THR A 224 9.97 -6.77 -22.04
C THR A 224 11.00 -5.73 -21.69
N LYS A 225 11.56 -5.08 -22.70
CA LYS A 225 12.46 -3.94 -22.52
C LYS A 225 12.11 -2.91 -23.58
N VAL A 226 11.70 -1.72 -23.13
CA VAL A 226 11.20 -0.67 -24.01
C VAL A 226 11.92 0.62 -23.66
N ASP A 227 12.51 1.27 -24.66
CA ASP A 227 13.05 2.61 -24.53
C ASP A 227 12.19 3.56 -25.36
N LYS A 228 11.54 4.51 -24.68
CA LYS A 228 10.52 5.35 -25.29
C LYS A 228 10.89 6.82 -25.14
N ARG A 229 11.16 7.49 -26.26
CA ARG A 229 11.45 8.91 -26.22
C ARG A 229 10.15 9.68 -26.03
N VAL A 230 10.12 10.56 -25.05
CA VAL A 230 8.98 11.42 -24.81
C VAL A 230 9.34 12.82 -25.28
N GLU A 231 8.64 13.29 -26.30
CA GLU A 231 8.94 14.57 -26.94
C GLU A 231 7.75 15.50 -26.82
N PRO A 232 7.97 16.81 -26.81
CA PRO A 232 6.84 17.75 -26.82
C PRO A 232 6.09 17.69 -28.14
N LYS A 233 4.77 17.83 -28.06
CA LYS A 233 3.91 17.81 -29.24
C LYS A 233 3.91 19.17 -29.93
N SER A 234 3.82 19.16 -31.26
CA SER A 234 3.80 20.39 -32.05
C SER A 234 2.65 20.43 -33.04
N ILE B 2 -14.77 -6.73 19.76
CA ILE B 2 -14.32 -5.42 20.22
C ILE B 2 -13.80 -4.60 19.04
N VAL B 3 -14.34 -3.39 18.88
CA VAL B 3 -13.91 -2.47 17.84
C VAL B 3 -12.85 -1.54 18.43
N LEU B 4 -11.65 -1.54 17.83
CA LEU B 4 -10.59 -0.65 18.24
C LEU B 4 -10.49 0.48 17.23
N THR B 5 -10.63 1.72 17.70
CA THR B 5 -10.58 2.90 16.85
C THR B 5 -9.33 3.70 17.20
N GLN B 6 -8.44 3.86 16.23
CA GLN B 6 -7.24 4.64 16.45
C GLN B 6 -7.43 6.07 15.95
N SER B 7 -6.76 7.01 16.61
CA SER B 7 -6.74 8.39 16.19
C SER B 7 -5.38 8.97 16.53
N PRO B 8 -4.94 10.04 15.85
CA PRO B 8 -5.57 10.57 14.64
C PRO B 8 -5.24 9.63 13.48
N GLY B 9 -5.90 9.78 12.33
CA GLY B 9 -5.55 8.97 11.18
C GLY B 9 -4.11 9.19 10.76
N THR B 10 -3.70 10.45 10.69
CA THR B 10 -2.33 10.83 10.35
C THR B 10 -1.79 11.80 11.40
N LEU B 11 -0.59 11.50 11.90
CA LEU B 11 0.10 12.36 12.86
C LEU B 11 1.30 12.98 12.16
N SER B 12 1.39 14.30 12.17
CA SER B 12 2.43 15.01 11.45
C SER B 12 3.35 15.71 12.44
N LEU B 13 4.62 15.35 12.44
CA LEU B 13 5.55 15.86 13.44
C LEU B 13 6.93 15.97 12.84
N SER B 14 7.80 16.67 13.53
CA SER B 14 9.19 16.85 13.17
C SER B 14 10.07 15.88 13.97
N PRO B 15 11.23 15.50 13.44
CA PRO B 15 12.12 14.61 14.21
C PRO B 15 12.50 15.19 15.56
N GLY B 16 12.37 14.38 16.60
CA GLY B 16 12.68 14.79 17.96
C GLY B 16 11.48 15.21 18.78
N GLU B 17 10.35 15.47 18.16
CA GLU B 17 9.14 15.80 18.90
C GLU B 17 8.54 14.56 19.54
N LYS B 18 7.67 14.79 20.52
CA LYS B 18 6.96 13.72 21.21
C LYS B 18 5.71 13.36 20.42
N ALA B 19 5.49 12.07 20.22
CA ALA B 19 4.34 11.57 19.47
C ALA B 19 3.41 10.82 20.39
N THR B 20 2.12 11.13 20.33
CA THR B 20 1.09 10.51 21.16
C THR B 20 0.03 9.90 20.26
N LEU B 21 -0.08 8.58 20.27
CA LEU B 21 -1.02 7.84 19.43
C LEU B 21 -2.07 7.17 20.31
N SER B 22 -3.32 7.22 19.88
CA SER B 22 -4.44 6.81 20.72
C SER B 22 -5.18 5.65 20.09
N CYS B 23 -5.67 4.76 20.95
CA CYS B 23 -6.45 3.59 20.56
C CYS B 23 -7.62 3.47 21.50
N ARG B 24 -8.84 3.63 20.99
CA ARG B 24 -10.05 3.60 21.79
C ARG B 24 -10.82 2.32 21.52
N ALA B 25 -11.08 1.54 22.56
CA ALA B 25 -11.87 0.34 22.43
C ALA B 25 -13.35 0.64 22.64
N SER B 26 -14.21 -0.13 21.95
CA SER B 26 -15.64 0.08 22.06
C SER B 26 -16.17 -0.34 23.42
N GLN B 27 -15.50 -1.27 24.08
CA GLN B 27 -15.86 -1.71 25.42
C GLN B 27 -14.62 -1.67 26.29
N THR B 28 -14.83 -1.76 27.61
CA THR B 28 -13.71 -1.86 28.52
C THR B 28 -12.97 -3.17 28.29
N ILE B 29 -11.64 -3.11 28.26
CA ILE B 29 -10.78 -4.28 28.13
C ILE B 29 -9.62 -4.15 29.10
N ALA B 30 -9.17 -5.27 29.64
CA ALA B 30 -8.03 -5.27 30.53
C ALA B 30 -6.74 -5.01 29.78
N SER B 31 -5.81 -4.30 30.44
CA SER B 31 -4.58 -3.88 29.77
C SER B 31 -3.74 -5.07 29.36
N THR B 32 -3.89 -6.20 30.04
CA THR B 32 -3.18 -7.42 29.67
C THR B 32 -3.36 -7.76 28.20
N TYR B 33 -4.51 -7.40 27.63
CA TYR B 33 -4.92 -7.88 26.33
C TYR B 33 -4.69 -6.88 25.20
N LEU B 34 -3.93 -5.82 25.43
CA LEU B 34 -3.70 -4.79 24.41
C LEU B 34 -2.24 -4.74 24.03
N ALA B 35 -1.96 -4.82 22.72
CA ALA B 35 -0.62 -4.77 22.17
C ALA B 35 -0.53 -3.71 21.08
N TRP B 36 0.69 -3.29 20.76
CA TRP B 36 0.98 -2.26 19.78
C TRP B 36 2.05 -2.77 18.81
N TYR B 37 1.90 -2.41 17.53
CA TYR B 37 2.79 -2.84 16.46
C TYR B 37 3.20 -1.65 15.61
N GLN B 38 4.42 -1.71 15.09
CA GLN B 38 4.91 -0.78 14.08
C GLN B 38 5.09 -1.53 12.75
N GLN B 39 4.80 -0.85 11.64
CA GLN B 39 5.00 -1.45 10.33
C GLN B 39 5.44 -0.41 9.35
N LYS B 40 6.56 -0.63 8.71
CA LYS B 40 6.93 0.17 7.55
C LYS B 40 6.46 -0.52 6.27
N PRO B 41 6.19 0.26 5.23
CA PRO B 41 5.71 -0.35 3.97
C PRO B 41 6.69 -1.36 3.40
N GLY B 42 6.15 -2.46 2.89
CA GLY B 42 6.97 -3.52 2.34
C GLY B 42 7.66 -4.39 3.36
N GLN B 43 7.33 -4.25 4.63
CA GLN B 43 7.97 -5.00 5.70
C GLN B 43 6.93 -5.60 6.63
N PRO B 44 7.25 -6.71 7.29
CA PRO B 44 6.31 -7.31 8.24
C PRO B 44 6.14 -6.42 9.45
N PRO B 45 5.02 -6.51 10.15
CA PRO B 45 4.87 -5.76 11.41
C PRO B 45 5.89 -6.22 12.43
N ARG B 46 6.02 -5.42 13.49
CA ARG B 46 7.01 -5.61 14.54
C ARG B 46 6.36 -5.21 15.86
N LEU B 47 6.39 -6.13 16.82
CA LEU B 47 5.77 -5.88 18.11
C LEU B 47 6.57 -4.84 18.90
N LEU B 48 5.86 -3.81 19.38
CA LEU B 48 6.48 -2.76 20.20
C LEU B 48 6.16 -2.94 21.67
N LEU B 49 4.88 -3.07 22.00
CA LEU B 49 4.43 -3.19 23.37
C LEU B 49 3.41 -4.32 23.45
N HIS B 50 3.43 -5.01 24.57
CA HIS B 50 2.42 -6.02 24.86
C HIS B 50 1.97 -5.86 26.31
N LYS B 51 0.73 -6.30 26.57
CA LYS B 51 0.12 -6.12 27.89
C LYS B 51 0.03 -4.63 28.27
N GLY B 52 -0.27 -3.80 27.28
CA GLY B 52 -0.47 -2.37 27.50
C GLY B 52 0.78 -1.52 27.64
N TYR B 53 1.74 -1.96 28.45
CA TYR B 53 2.86 -1.12 28.84
C TYR B 53 4.24 -1.75 28.67
N ASN B 54 4.34 -3.07 28.51
CA ASN B 54 5.64 -3.73 28.52
C ASN B 54 6.30 -3.68 27.15
N ARG B 55 7.53 -3.20 27.08
CA ARG B 55 8.27 -3.19 25.82
C ARG B 55 8.71 -4.60 25.45
N ALA B 56 8.65 -4.90 24.15
CA ALA B 56 9.18 -6.17 23.69
C ALA B 56 10.71 -6.13 23.65
N THR B 57 11.31 -7.29 23.41
CA THR B 57 12.76 -7.40 23.41
C THR B 57 13.36 -6.53 22.32
N GLY B 58 14.43 -5.82 22.66
CA GLY B 58 15.12 -4.95 21.73
C GLY B 58 14.45 -3.63 21.43
N ILE B 59 13.28 -3.35 21.98
CA ILE B 59 12.57 -2.11 21.65
C ILE B 59 13.17 -0.97 22.46
N PRO B 60 13.47 0.16 21.83
CA PRO B 60 14.15 1.26 22.54
C PRO B 60 13.28 1.90 23.61
N ASP B 61 13.95 2.58 24.54
CA ASP B 61 13.29 3.20 25.70
C ASP B 61 12.35 4.32 25.32
N ARG B 62 12.47 4.89 24.11
CA ARG B 62 11.63 6.03 23.76
C ARG B 62 10.18 5.64 23.51
N PHE B 63 9.90 4.35 23.33
CA PHE B 63 8.53 3.87 23.20
C PHE B 63 7.99 3.50 24.58
N SER B 64 6.78 3.97 24.89
CA SER B 64 6.14 3.58 26.14
C SER B 64 4.64 3.56 25.95
N GLY B 65 3.97 2.83 26.83
CA GLY B 65 2.52 2.69 26.79
C GLY B 65 1.87 3.18 28.07
N SER B 66 0.64 3.65 27.94
CA SER B 66 -0.13 4.09 29.09
C SER B 66 -1.61 3.94 28.75
N GLY B 67 -2.44 4.09 29.76
CA GLY B 67 -3.88 4.03 29.63
C GLY B 67 -4.49 2.95 30.50
N SER B 68 -5.79 2.76 30.32
CA SER B 68 -6.60 1.77 31.04
C SER B 68 -8.04 1.95 30.57
N GLY B 69 -8.89 1.03 30.98
CA GLY B 69 -10.30 1.13 30.66
C GLY B 69 -10.59 0.97 29.17
N THR B 70 -11.05 2.02 28.51
CA THR B 70 -11.33 1.96 27.09
C THR B 70 -10.36 2.76 26.24
N VAL B 71 -9.37 3.44 26.82
CA VAL B 71 -8.44 4.23 26.04
C VAL B 71 -7.02 3.88 26.43
N TYR B 72 -6.19 3.62 25.42
CA TYR B 72 -4.78 3.34 25.60
C TYR B 72 -3.98 4.20 24.64
N THR B 73 -2.71 4.41 24.98
CA THR B 73 -1.88 5.38 24.31
C THR B 73 -0.50 4.79 24.07
N LEU B 74 0.05 5.07 22.90
CA LEU B 74 1.45 4.79 22.58
C LEU B 74 2.16 6.13 22.44
N THR B 75 3.23 6.30 23.21
CA THR B 75 4.01 7.53 23.22
C THR B 75 5.40 7.25 22.70
N ILE B 76 5.91 8.12 21.84
CA ILE B 76 7.28 8.07 21.35
C ILE B 76 7.94 9.36 21.76
N SER B 77 8.89 9.28 22.69
CA SER B 77 9.50 10.47 23.29
C SER B 77 10.73 10.87 22.48
N GLY B 78 10.48 11.53 21.36
CA GLY B 78 11.54 11.99 20.48
C GLY B 78 11.64 11.17 19.23
N LEU B 79 10.91 11.57 18.18
CA LEU B 79 10.88 10.78 16.96
C LEU B 79 12.22 10.80 16.24
N GLU B 80 12.70 9.63 15.88
CA GLU B 80 13.85 9.43 15.04
C GLU B 80 13.39 9.07 13.63
N PRO B 81 14.21 9.32 12.60
CA PRO B 81 13.77 9.06 11.22
C PRO B 81 13.18 7.68 11.02
N ASP B 82 13.71 6.68 11.72
CA ASP B 82 13.19 5.32 11.63
C ASP B 82 11.78 5.18 12.20
N ASP B 83 11.27 6.18 12.93
CA ASP B 83 9.98 6.06 13.60
C ASP B 83 8.81 6.51 12.73
N PHE B 84 9.06 7.09 11.57
CA PHE B 84 7.98 7.52 10.69
C PHE B 84 7.49 6.29 9.94
N ALA B 85 6.29 5.86 10.26
CA ALA B 85 5.77 4.54 9.90
C ALA B 85 4.31 4.46 10.32
N PHE B 86 3.73 3.27 10.18
CA PHE B 86 2.35 3.02 10.59
C PHE B 86 2.34 2.28 11.92
N TYR B 87 1.31 2.54 12.72
CA TYR B 87 1.19 1.91 14.04
C TYR B 87 -0.19 1.32 14.20
N TYR B 88 -0.23 0.11 14.75
CA TYR B 88 -1.47 -0.63 14.93
C TYR B 88 -1.60 -1.08 16.38
N CYS B 89 -2.79 -0.93 16.94
CA CYS B 89 -3.10 -1.56 18.21
C CYS B 89 -3.86 -2.86 17.94
N GLN B 90 -3.88 -3.72 18.94
CA GLN B 90 -4.48 -5.04 18.78
C GLN B 90 -5.05 -5.48 20.11
N HIS B 91 -6.19 -6.17 20.05
CA HIS B 91 -6.82 -6.79 21.21
C HIS B 91 -6.58 -8.29 21.12
N LEU B 92 -5.71 -8.80 22.00
CA LEU B 92 -5.39 -10.22 22.08
C LEU B 92 -5.88 -10.69 23.44
N GLY B 93 -7.13 -11.13 23.51
CA GLY B 93 -7.77 -11.46 24.77
C GLY B 93 -7.54 -12.88 25.21
N THR B 94 -8.51 -13.43 25.94
CA THR B 94 -8.42 -14.79 26.47
C THR B 94 -8.65 -15.84 25.39
N SER B 95 -9.17 -15.47 24.23
CA SER B 95 -9.53 -16.39 23.16
C SER B 95 -9.82 -15.57 21.91
N PRO B 96 -9.76 -16.20 20.74
CA PRO B 96 -10.18 -15.49 19.52
C PRO B 96 -11.65 -15.12 19.60
N PRO B 97 -12.11 -14.18 18.77
CA PRO B 97 -11.38 -13.48 17.71
C PRO B 97 -10.48 -12.36 18.22
N TYR B 98 -9.46 -12.03 17.45
CA TYR B 98 -8.58 -10.90 17.70
C TYR B 98 -8.89 -9.80 16.70
N THR B 99 -8.59 -8.56 17.11
CA THR B 99 -8.90 -7.39 16.30
C THR B 99 -7.71 -6.44 16.29
N PHE B 100 -7.50 -5.79 15.16
CA PHE B 100 -6.56 -4.70 15.04
C PHE B 100 -7.29 -3.38 14.86
N GLY B 101 -6.68 -2.31 15.35
CA GLY B 101 -7.11 -0.98 14.99
C GLY B 101 -6.87 -0.74 13.51
N GLN B 102 -7.42 0.36 12.99
CA GLN B 102 -7.29 0.64 11.56
C GLN B 102 -5.94 1.23 11.21
N GLY B 103 -5.11 1.60 12.19
CA GLY B 103 -3.80 2.13 11.88
C GLY B 103 -3.69 3.64 11.98
N THR B 104 -2.53 4.11 12.42
CA THR B 104 -2.19 5.53 12.44
C THR B 104 -0.86 5.70 11.71
N LYS B 105 -0.79 6.68 10.82
CA LYS B 105 0.44 6.96 10.08
C LYS B 105 1.14 8.17 10.69
N VAL B 106 2.43 8.03 10.98
CA VAL B 106 3.25 9.11 11.51
C VAL B 106 4.15 9.59 10.37
N GLU B 107 3.93 10.83 9.94
CA GLU B 107 4.62 11.40 8.79
C GLU B 107 5.43 12.61 9.22
N ILE B 108 6.33 13.06 8.34
CA ILE B 108 7.11 14.25 8.62
C ILE B 108 6.25 15.48 8.36
N LYS B 109 6.17 16.35 9.35
CA LYS B 109 5.45 17.61 9.19
C LYS B 109 6.31 18.58 8.41
N ARG B 110 5.65 19.39 7.58
CA ARG B 110 6.31 20.44 6.82
C ARG B 110 5.25 21.46 6.43
N THR B 111 5.71 22.61 5.96
CA THR B 111 4.79 23.68 5.62
C THR B 111 3.92 23.28 4.43
N VAL B 112 2.71 23.85 4.39
CA VAL B 112 1.77 23.50 3.32
C VAL B 112 2.35 23.90 1.97
N ALA B 113 2.17 23.02 0.98
CA ALA B 113 2.61 23.27 -0.38
C ALA B 113 1.50 22.89 -1.34
N ALA B 114 1.12 23.83 -2.20
CA ALA B 114 0.11 23.55 -3.20
C ALA B 114 0.71 22.65 -4.30
N PRO B 115 -0.11 21.82 -4.93
CA PRO B 115 0.40 21.02 -6.04
C PRO B 115 0.46 21.84 -7.31
N SER B 116 1.41 21.48 -8.16
N SER B 116 1.37 21.44 -8.20
CA SER B 116 1.38 21.93 -9.55
CA SER B 116 1.38 21.93 -9.57
C SER B 116 0.56 20.90 -10.32
C SER B 116 0.66 20.92 -10.44
N VAL B 117 -0.36 21.37 -11.16
CA VAL B 117 -1.31 20.49 -11.85
C VAL B 117 -0.99 20.46 -13.33
N PHE B 118 -0.97 19.24 -13.90
CA PHE B 118 -0.77 19.04 -15.32
C PHE B 118 -1.78 18.02 -15.81
N ILE B 119 -2.31 18.21 -17.02
CA ILE B 119 -3.19 17.23 -17.66
C ILE B 119 -2.56 16.75 -18.96
N PHE B 120 -2.72 15.46 -19.25
CA PHE B 120 -2.14 14.80 -20.42
C PHE B 120 -3.24 14.11 -21.21
N PRO B 121 -3.50 14.52 -22.45
CA PRO B 121 -4.45 13.79 -23.29
C PRO B 121 -3.90 12.41 -23.65
N PRO B 122 -4.75 11.47 -24.07
CA PRO B 122 -4.23 10.21 -24.61
C PRO B 122 -3.29 10.46 -25.77
N SER B 123 -2.24 9.65 -25.83
CA SER B 123 -1.30 9.74 -26.91
C SER B 123 -1.92 9.18 -28.19
N ASP B 124 -1.43 9.65 -29.34
CA ASP B 124 -1.92 9.10 -30.60
C ASP B 124 -1.59 7.61 -30.69
N GLU B 125 -0.47 7.18 -30.11
CA GLU B 125 -0.11 5.76 -30.15
C GLU B 125 -1.14 4.91 -29.41
N GLN B 126 -1.60 5.38 -28.25
CA GLN B 126 -2.61 4.63 -27.51
C GLN B 126 -3.95 4.62 -28.22
N LEU B 127 -4.33 5.77 -28.79
CA LEU B 127 -5.61 5.85 -29.48
C LEU B 127 -5.66 4.87 -30.66
N LYS B 128 -4.52 4.70 -31.35
CA LYS B 128 -4.45 3.68 -32.39
C LYS B 128 -4.77 2.29 -31.84
N SER B 129 -4.67 2.09 -30.52
CA SER B 129 -4.89 0.78 -29.92
C SER B 129 -6.34 0.51 -29.53
N GLY B 130 -7.21 1.52 -29.53
CA GLY B 130 -8.60 1.33 -29.11
C GLY B 130 -8.92 1.76 -27.69
N THR B 131 -7.95 2.26 -26.93
N THR B 131 -7.96 2.28 -26.93
CA THR B 131 -8.20 2.74 -25.58
CA THR B 131 -8.18 2.72 -25.56
C THR B 131 -7.74 4.19 -25.47
C THR B 131 -7.70 4.16 -25.42
N ALA B 132 -8.33 4.90 -24.51
CA ALA B 132 -7.98 6.29 -24.25
C ALA B 132 -7.79 6.48 -22.75
N SER B 133 -6.58 6.88 -22.35
CA SER B 133 -6.28 7.19 -20.96
C SER B 133 -5.93 8.67 -20.86
N VAL B 134 -6.52 9.35 -19.88
CA VAL B 134 -6.20 10.75 -19.59
C VAL B 134 -5.59 10.82 -18.19
N VAL B 135 -4.46 11.50 -18.07
CA VAL B 135 -3.72 11.52 -16.82
C VAL B 135 -3.69 12.95 -16.29
N CYS B 136 -4.09 13.10 -15.03
CA CYS B 136 -3.94 14.34 -14.29
C CYS B 136 -2.86 14.14 -13.24
N LEU B 137 -1.86 15.00 -13.23
CA LEU B 137 -0.73 14.91 -12.31
C LEU B 137 -0.81 16.05 -11.28
N LEU B 138 -0.64 15.69 -10.00
CA LEU B 138 -0.51 16.65 -8.89
C LEU B 138 0.89 16.50 -8.31
N ASN B 139 1.75 17.47 -8.56
CA ASN B 139 3.16 17.36 -8.25
C ASN B 139 3.54 18.10 -6.97
N ASN B 140 4.17 17.37 -6.03
CA ASN B 140 4.91 17.91 -4.88
C ASN B 140 4.02 18.82 -4.02
N PHE B 141 3.10 18.18 -3.30
CA PHE B 141 2.16 18.91 -2.49
C PHE B 141 2.16 18.35 -1.07
N TYR B 142 1.69 19.18 -0.14
CA TYR B 142 1.53 18.80 1.26
C TYR B 142 0.43 19.66 1.89
N PRO B 143 -0.50 19.07 2.67
CA PRO B 143 -0.59 17.67 3.10
C PRO B 143 -1.10 16.71 2.03
N ARG B 144 -1.10 15.43 2.38
CA ARG B 144 -1.42 14.38 1.41
C ARG B 144 -2.87 14.47 0.94
N GLU B 145 -3.76 14.95 1.80
CA GLU B 145 -5.18 15.03 1.47
C GLU B 145 -5.41 15.92 0.25
N ALA B 146 -6.06 15.36 -0.78
CA ALA B 146 -6.36 16.10 -2.00
C ALA B 146 -7.61 15.54 -2.64
N LYS B 147 -8.37 16.41 -3.29
CA LYS B 147 -9.56 16.04 -4.04
C LYS B 147 -9.32 16.27 -5.53
N VAL B 148 -9.61 15.25 -6.34
CA VAL B 148 -9.43 15.31 -7.78
C VAL B 148 -10.73 14.86 -8.43
N GLN B 149 -11.36 15.75 -9.17
CA GLN B 149 -12.63 15.47 -9.83
C GLN B 149 -12.42 15.58 -11.32
N TRP B 150 -12.90 14.58 -12.05
CA TRP B 150 -12.83 14.56 -13.51
C TRP B 150 -14.14 15.08 -14.06
N LYS B 151 -14.06 15.99 -15.02
CA LYS B 151 -15.22 16.49 -15.74
C LYS B 151 -15.02 16.27 -17.23
N VAL B 152 -16.01 15.69 -17.87
CA VAL B 152 -16.03 15.49 -19.32
C VAL B 152 -17.28 16.18 -19.86
N ASP B 153 -17.09 17.16 -20.73
CA ASP B 153 -18.16 18.04 -21.19
C ASP B 153 -19.01 18.50 -20.00
N ASN B 154 -18.32 18.95 -18.95
CA ASN B 154 -18.94 19.50 -17.75
C ASN B 154 -19.79 18.49 -17.00
N ALA B 155 -19.48 17.20 -17.13
CA ALA B 155 -20.17 16.16 -16.39
C ALA B 155 -19.20 15.51 -15.41
N LEU B 156 -19.56 15.51 -14.13
CA LEU B 156 -18.70 14.91 -13.12
C LEU B 156 -18.58 13.41 -13.37
N GLN B 157 -17.35 12.91 -13.48
CA GLN B 157 -17.10 11.50 -13.71
C GLN B 157 -17.05 10.74 -12.40
N SER B 158 -17.40 9.46 -12.47
CA SER B 158 -17.50 8.65 -11.27
C SER B 158 -17.18 7.20 -11.60
N GLY B 159 -16.28 6.60 -10.83
CA GLY B 159 -16.00 5.19 -10.96
C GLY B 159 -15.22 4.78 -12.19
N ASN B 160 -14.71 5.71 -12.97
CA ASN B 160 -13.86 5.40 -14.12
C ASN B 160 -12.48 6.04 -13.98
N SER B 161 -12.05 6.29 -12.75
CA SER B 161 -10.72 6.83 -12.52
C SER B 161 -10.05 6.08 -11.37
N GLN B 162 -8.73 6.02 -11.42
CA GLN B 162 -7.93 5.36 -10.41
C GLN B 162 -6.80 6.29 -10.02
N GLU B 163 -6.53 6.37 -8.73
CA GLU B 163 -5.50 7.24 -8.17
C GLU B 163 -4.31 6.43 -7.68
N SER B 164 -3.13 7.03 -7.77
CA SER B 164 -1.93 6.46 -7.18
C SER B 164 -1.12 7.57 -6.54
N VAL B 165 -0.59 7.32 -5.35
CA VAL B 165 0.14 8.33 -4.58
C VAL B 165 1.52 7.80 -4.22
N THR B 166 2.54 8.66 -4.36
CA THR B 166 3.87 8.30 -3.92
C THR B 166 4.00 8.38 -2.39
N GLU B 167 4.96 7.64 -1.86
CA GLU B 167 5.32 7.82 -0.46
C GLU B 167 5.98 9.18 -0.23
N GLN B 168 5.97 9.63 1.02
CA GLN B 168 6.48 10.96 1.33
C GLN B 168 7.93 11.07 0.88
N ASP B 169 8.24 12.20 0.24
CA ASP B 169 9.55 12.37 -0.36
C ASP B 169 10.63 12.50 0.70
N SER B 170 11.78 11.86 0.46
CA SER B 170 12.87 11.94 1.43
C SER B 170 13.56 13.30 1.41
N LYS B 171 13.46 14.04 0.31
CA LYS B 171 14.18 15.31 0.18
C LYS B 171 13.37 16.50 0.71
N ASP B 172 12.12 16.65 0.27
CA ASP B 172 11.30 17.80 0.63
C ASP B 172 10.00 17.43 1.33
N SER B 173 9.79 16.16 1.65
CA SER B 173 8.67 15.71 2.48
C SER B 173 7.30 16.02 1.84
N THR B 174 7.24 16.13 0.51
CA THR B 174 5.98 16.30 -0.17
C THR B 174 5.48 14.97 -0.75
N TYR B 175 4.25 15.00 -1.25
CA TYR B 175 3.62 13.88 -1.93
C TYR B 175 3.33 14.25 -3.37
N SER B 176 3.19 13.25 -4.22
CA SER B 176 2.69 13.46 -5.58
C SER B 176 1.65 12.39 -5.90
N LEU B 177 0.75 12.73 -6.82
CA LEU B 177 -0.44 11.94 -7.05
C LEU B 177 -0.80 11.97 -8.53
N SER B 178 -1.15 10.81 -9.07
CA SER B 178 -1.71 10.70 -10.41
C SER B 178 -3.15 10.26 -10.33
N SER B 179 -3.98 10.80 -11.20
CA SER B 179 -5.33 10.31 -11.41
C SER B 179 -5.49 9.99 -12.88
N THR B 180 -5.96 8.78 -13.19
CA THR B 180 -6.07 8.31 -14.56
C THR B 180 -7.52 8.01 -14.87
N LEU B 181 -8.06 8.66 -15.89
CA LEU B 181 -9.41 8.45 -16.36
C LEU B 181 -9.37 7.56 -17.59
N THR B 182 -10.10 6.46 -17.56
CA THR B 182 -10.09 5.49 -18.66
C THR B 182 -11.45 5.47 -19.33
N LEU B 183 -11.45 5.63 -20.65
CA LEU B 183 -12.64 5.44 -21.46
C LEU B 183 -12.25 4.74 -22.76
N SER B 184 -13.23 4.08 -23.36
CA SER B 184 -13.05 3.51 -24.68
C SER B 184 -12.71 4.62 -25.67
N LYS B 185 -11.96 4.27 -26.70
CA LYS B 185 -11.69 5.23 -27.78
C LYS B 185 -13.00 5.77 -28.35
N ALA B 186 -14.02 4.91 -28.46
CA ALA B 186 -15.31 5.35 -28.97
C ALA B 186 -15.89 6.47 -28.10
N ASP B 187 -15.94 6.26 -26.79
CA ASP B 187 -16.51 7.30 -25.92
C ASP B 187 -15.63 8.54 -25.89
N TYR B 188 -14.31 8.36 -25.96
CA TYR B 188 -13.40 9.49 -25.97
C TYR B 188 -13.69 10.44 -27.11
N GLU B 189 -14.04 9.90 -28.28
CA GLU B 189 -14.27 10.73 -29.46
C GLU B 189 -15.65 11.37 -29.49
N LYS B 190 -16.54 11.01 -28.57
CA LYS B 190 -17.87 11.63 -28.51
C LYS B 190 -17.90 12.92 -27.69
N HIS B 191 -16.80 13.28 -27.04
CA HIS B 191 -16.78 14.40 -26.10
C HIS B 191 -15.64 15.35 -26.45
N LYS B 192 -15.81 16.61 -26.03
CA LYS B 192 -14.89 17.68 -26.40
C LYS B 192 -13.99 18.13 -25.26
N VAL B 193 -14.54 18.46 -24.10
CA VAL B 193 -13.79 19.11 -23.03
C VAL B 193 -13.46 18.09 -21.95
N TYR B 194 -12.17 17.91 -21.70
CA TYR B 194 -11.65 17.03 -20.66
C TYR B 194 -10.96 17.88 -19.61
N ALA B 195 -11.43 17.81 -18.36
CA ALA B 195 -10.91 18.64 -17.29
C ALA B 195 -10.71 17.87 -16.00
N CYS B 196 -9.67 18.24 -15.28
N CYS B 196 -9.61 18.12 -15.30
CA CYS B 196 -9.35 17.71 -13.95
CA CYS B 196 -9.45 17.65 -13.94
C CYS B 196 -9.37 18.88 -12.97
C CYS B 196 -9.42 18.86 -13.01
N GLU B 197 -10.26 18.82 -11.98
CA GLU B 197 -10.42 19.89 -11.00
C GLU B 197 -9.79 19.41 -9.70
N VAL B 198 -8.84 20.19 -9.17
CA VAL B 198 -8.05 19.82 -8.01
C VAL B 198 -8.41 20.74 -6.85
N THR B 199 -8.77 20.16 -5.72
CA THR B 199 -8.93 20.88 -4.46
C THR B 199 -7.85 20.44 -3.48
N HIS B 200 -7.20 21.41 -2.84
CA HIS B 200 -6.11 21.12 -1.91
C HIS B 200 -5.94 22.30 -0.97
N GLN B 201 -5.61 21.98 0.29
CA GLN B 201 -5.46 23.00 1.33
C GLN B 201 -4.54 24.14 0.91
N GLY B 202 -3.59 23.89 0.01
CA GLY B 202 -2.71 24.93 -0.45
C GLY B 202 -3.24 25.83 -1.55
N LEU B 203 -4.41 25.51 -2.11
CA LEU B 203 -5.01 26.31 -3.18
C LEU B 203 -6.17 27.12 -2.63
N SER B 204 -6.14 28.44 -2.87
CA SER B 204 -7.22 29.30 -2.37
C SER B 204 -8.54 29.05 -3.09
N SER B 205 -8.50 28.42 -4.26
CA SER B 205 -9.70 27.95 -4.94
C SER B 205 -9.32 26.80 -5.85
N PRO B 206 -10.27 25.96 -6.24
CA PRO B 206 -9.92 24.79 -7.06
C PRO B 206 -9.22 25.21 -8.34
N VAL B 207 -8.24 24.41 -8.75
CA VAL B 207 -7.51 24.63 -9.98
C VAL B 207 -8.00 23.63 -11.02
N THR B 208 -8.43 24.13 -12.17
CA THR B 208 -8.87 23.28 -13.27
C THR B 208 -7.87 23.34 -14.40
N LYS B 209 -7.41 22.17 -14.84
CA LYS B 209 -6.59 22.01 -16.03
C LYS B 209 -7.41 21.24 -17.05
N SER B 210 -7.41 21.70 -18.30
CA SER B 210 -8.30 21.11 -19.29
C SER B 210 -7.66 21.15 -20.67
N PHE B 211 -8.24 20.37 -21.57
CA PHE B 211 -7.94 20.46 -22.99
C PHE B 211 -9.20 20.15 -23.79
N ASN B 212 -9.20 20.60 -25.04
CA ASN B 212 -10.24 20.27 -26.00
C ASN B 212 -9.71 19.16 -26.89
N ARG B 213 -10.49 18.11 -27.07
CA ARG B 213 -10.04 16.99 -27.90
C ARG B 213 -9.77 17.44 -29.32
N GLY B 214 -8.57 17.14 -29.82
CA GLY B 214 -8.22 17.42 -31.19
C GLY B 214 -7.69 18.81 -31.48
N GLU B 215 -7.57 19.66 -30.48
CA GLU B 215 -7.03 21.00 -30.70
C GLU B 215 -5.52 21.00 -30.46
N CYS B 216 -4.80 21.73 -31.32
CA CYS B 216 -3.34 21.77 -31.28
C CYS B 216 -2.80 22.07 -29.89
C1 PEG C . 6.18 -0.90 32.40
O1 PEG C . 6.39 -2.27 32.16
C2 PEG C . 6.98 -0.11 31.37
O2 PEG C . 6.60 1.25 31.39
C3 PEG C . 7.33 2.03 30.48
C4 PEG C . 7.08 1.50 29.06
O4 PEG C . 5.71 1.57 28.76
#